data_6NR6
#
_entry.id   6NR6
#
_cell.length_a   101.644
_cell.length_b   73.074
_cell.length_c   88.372
_cell.angle_alpha   90.000
_cell.angle_beta   90.000
_cell.angle_gamma   90.000
#
_symmetry.space_group_name_H-M   'P 21 21 2'
#
loop_
_entity.id
_entity.type
_entity.pdbx_description
1 polymer 'Bifunctional transcriptional regulator/O-phospho-L-serine synthase SbnI'
2 non-polymer 'MAGNESIUM ION'
3 non-polymer "ADENOSINE-5'-DIPHOSPHATE"
4 water water
#
_entity_poly.entity_id   1
_entity_poly.type   'polypeptide(L)'
_entity_poly.pdbx_seq_one_letter_code
;MKQIYDTLQLIPVDKIDLHEAFEPSRLEKTKESIAKEQHLRHPVLVVKTLFGRYMVIDGVHRFMSLKALGCEVIPVQVIQ
RTQYSIGSWHHKIPNGAWCEGLTDEELLPWTTEVRDETPFITMCDQQTEHYLYAADLTADKLDVWKKVVNSYSASCNVER
VPHSACLCLDSNDILMKYQPLQIGEIEAVVQRGQTVPAGVTRFNIAGRCLNLQVPLHLLKNSNLGNQEQWHTFLQKKIES
MRCYTEKIYLIEAE
;
_entity_poly.pdbx_strand_id   A,B
#
loop_
_chem_comp.id
_chem_comp.type
_chem_comp.name
_chem_comp.formula
ADP non-polymer ADENOSINE-5'-DIPHOSPHATE 'C10 H15 N5 O10 P2'
MG non-polymer 'MAGNESIUM ION' 'Mg 2'
#
# COMPACT_ATOMS: atom_id res chain seq x y z
N MET A 1 -0.90 -7.77 28.47
CA MET A 1 -0.23 -9.06 28.31
C MET A 1 -0.83 -10.12 29.24
N LYS A 2 -1.31 -9.67 30.40
CA LYS A 2 -1.84 -10.56 31.44
C LYS A 2 -3.17 -11.21 31.06
N GLN A 3 -3.67 -11.03 29.83
CA GLN A 3 -4.82 -11.79 29.39
C GLN A 3 -4.43 -13.07 28.65
N ILE A 4 -3.21 -13.16 28.12
CA ILE A 4 -2.83 -14.30 27.29
C ILE A 4 -2.99 -15.60 28.07
N TYR A 5 -2.66 -15.58 29.37
CA TYR A 5 -2.81 -16.78 30.20
C TYR A 5 -4.19 -17.38 30.02
N ASP A 6 -5.23 -16.54 30.04
CA ASP A 6 -6.60 -17.02 29.98
C ASP A 6 -6.95 -17.66 28.66
N THR A 7 -6.25 -17.31 27.58
CA THR A 7 -6.57 -17.81 26.25
C THR A 7 -5.87 -19.13 25.93
N LEU A 8 -4.94 -19.58 26.76
CA LEU A 8 -4.14 -20.78 26.50
C LEU A 8 -4.75 -21.91 27.30
N GLN A 9 -5.33 -22.88 26.61
CA GLN A 9 -6.18 -23.89 27.26
C GLN A 9 -5.88 -25.26 26.68
N LEU A 10 -6.20 -26.29 27.45
CA LEU A 10 -6.15 -27.67 26.95
C LEU A 10 -7.57 -28.08 26.58
N ILE A 11 -7.82 -28.33 25.31
CA ILE A 11 -9.17 -28.64 24.81
C ILE A 11 -9.25 -30.09 24.39
N PRO A 12 -10.31 -30.83 24.74
CA PRO A 12 -10.43 -32.22 24.28
C PRO A 12 -10.35 -32.30 22.76
N VAL A 13 -9.65 -33.33 22.28
CA VAL A 13 -9.37 -33.44 20.86
C VAL A 13 -10.66 -33.58 20.06
N ASP A 14 -11.67 -34.23 20.64
CA ASP A 14 -12.94 -34.47 19.95
C ASP A 14 -13.82 -33.22 19.87
N LYS A 15 -13.41 -32.11 20.48
CA LYS A 15 -14.17 -30.87 20.40
C LYS A 15 -13.65 -29.91 19.34
N ILE A 16 -12.67 -30.32 18.54
CA ILE A 16 -11.96 -29.42 17.64
C ILE A 16 -12.26 -29.83 16.20
N ASP A 17 -12.67 -28.86 15.38
CA ASP A 17 -12.94 -29.06 13.96
C ASP A 17 -11.89 -28.37 13.10
N LEU A 18 -11.59 -28.99 11.96
CA LEU A 18 -10.75 -28.38 10.92
C LEU A 18 -11.64 -27.90 9.79
N HIS A 19 -11.22 -26.83 9.10
CA HIS A 19 -11.97 -26.41 7.93
C HIS A 19 -11.15 -26.48 6.65
N GLU A 20 -9.88 -26.86 6.74
CA GLU A 20 -8.94 -26.78 5.63
C GLU A 20 -8.29 -28.13 5.41
N ALA A 21 -8.10 -28.50 4.14
CA ALA A 21 -7.42 -29.75 3.82
C ALA A 21 -5.95 -29.67 4.22
N PHE A 22 -5.44 -30.77 4.78
CA PHE A 22 -4.04 -30.88 5.13
C PHE A 22 -3.19 -31.17 3.88
N GLU A 23 -1.90 -30.84 3.99
CA GLU A 23 -0.95 -31.20 2.93
C GLU A 23 -0.17 -32.43 3.38
N PRO A 24 -0.19 -33.54 2.64
CA PRO A 24 0.38 -34.78 3.18
C PRO A 24 1.86 -34.68 3.50
N SER A 25 2.67 -34.05 2.64
CA SER A 25 4.09 -33.94 2.94
C SER A 25 4.32 -33.06 4.16
N ARG A 26 3.55 -31.97 4.29
CA ARG A 26 3.64 -31.10 5.46
C ARG A 26 3.26 -31.85 6.73
N LEU A 27 2.24 -32.72 6.65
CA LEU A 27 1.82 -33.47 7.83
C LEU A 27 2.90 -34.45 8.26
N GLU A 28 3.50 -35.16 7.31
CA GLU A 28 4.58 -36.08 7.65
C GLU A 28 5.72 -35.35 8.34
N LYS A 29 6.11 -34.19 7.78
CA LYS A 29 7.21 -33.42 8.37
C LYS A 29 6.87 -32.91 9.76
N THR A 30 5.65 -32.39 9.94
CA THR A 30 5.23 -31.89 11.26
C THR A 30 5.17 -33.02 12.27
N LYS A 31 4.58 -34.15 11.89
CA LYS A 31 4.47 -35.30 12.78
C LYS A 31 5.83 -35.84 13.17
N GLU A 32 6.75 -35.96 12.21
CA GLU A 32 8.10 -36.44 12.55
C GLU A 32 8.76 -35.52 13.56
N SER A 33 8.63 -34.20 13.37
CA SER A 33 9.30 -33.26 14.24
C SER A 33 8.70 -33.28 15.64
N ILE A 34 7.38 -33.30 15.74
CA ILE A 34 6.75 -33.40 17.06
C ILE A 34 7.16 -34.69 17.75
N ALA A 35 7.18 -35.81 17.03
CA ALA A 35 7.55 -37.08 17.63
C ALA A 35 8.99 -37.03 18.15
N LYS A 36 9.90 -36.44 17.37
CA LYS A 36 11.29 -36.37 17.81
C LYS A 36 11.44 -35.48 19.04
N GLU A 37 10.76 -34.33 19.04
CA GLU A 37 10.95 -33.34 20.10
C GLU A 37 10.07 -33.62 21.31
N GLN A 38 8.95 -34.33 21.12
CA GLN A 38 7.98 -34.60 22.19
C GLN A 38 7.52 -33.32 22.87
N HIS A 39 7.55 -32.22 22.12
CA HIS A 39 6.94 -30.96 22.51
C HIS A 39 6.18 -30.39 21.34
N LEU A 40 5.18 -29.56 21.65
CA LEU A 40 4.47 -28.75 20.67
C LEU A 40 5.03 -27.32 20.75
N ARG A 41 5.69 -26.86 19.68
CA ARG A 41 6.36 -25.55 19.75
C ARG A 41 5.36 -24.42 19.96
N HIS A 42 4.32 -24.34 19.12
CA HIS A 42 3.34 -23.25 19.17
C HIS A 42 1.94 -23.82 19.38
N PRO A 43 1.13 -23.23 20.26
CA PRO A 43 -0.23 -23.74 20.44
C PRO A 43 -1.05 -23.58 19.17
N VAL A 44 -2.00 -24.50 19.00
CA VAL A 44 -2.96 -24.46 17.91
C VAL A 44 -3.87 -23.26 18.12
N LEU A 45 -4.06 -22.46 17.08
CA LEU A 45 -4.91 -21.27 17.17
C LEU A 45 -6.33 -21.68 16.78
N VAL A 46 -7.30 -21.39 17.65
CA VAL A 46 -8.70 -21.81 17.44
C VAL A 46 -9.62 -20.61 17.71
N VAL A 47 -10.83 -20.69 17.15
CA VAL A 47 -11.91 -19.77 17.45
C VAL A 47 -13.08 -20.59 17.99
N LYS A 48 -13.80 -20.03 18.96
CA LYS A 48 -15.03 -20.67 19.39
C LYS A 48 -16.03 -20.68 18.25
N THR A 49 -16.73 -21.81 18.09
CA THR A 49 -17.72 -21.93 17.02
C THR A 49 -18.98 -22.55 17.64
N LEU A 50 -19.90 -22.98 16.78
CA LEU A 50 -21.19 -23.46 17.25
C LEU A 50 -21.02 -24.72 18.10
N PHE A 51 -22.01 -24.97 18.95
CA PHE A 51 -22.16 -26.23 19.68
C PHE A 51 -21.07 -26.45 20.73
N GLY A 52 -20.56 -25.38 21.33
CA GLY A 52 -19.46 -25.53 22.28
C GLY A 52 -18.16 -26.06 21.69
N ARG A 53 -17.97 -25.95 20.38
CA ARG A 53 -16.80 -26.54 19.76
C ARG A 53 -15.79 -25.44 19.43
N TYR A 54 -14.65 -25.87 18.91
CA TYR A 54 -13.55 -24.99 18.54
C TYR A 54 -13.10 -25.34 17.12
N MET A 55 -12.78 -24.32 16.33
CA MET A 55 -12.34 -24.51 14.95
C MET A 55 -10.90 -24.02 14.83
N VAL A 56 -10.02 -24.87 14.31
CA VAL A 56 -8.64 -24.46 14.04
C VAL A 56 -8.63 -23.38 12.97
N ILE A 57 -7.93 -22.26 13.25
CA ILE A 57 -7.64 -21.29 12.20
C ILE A 57 -6.14 -21.23 11.90
N ASP A 58 -5.29 -21.85 12.72
CA ASP A 58 -3.88 -22.06 12.34
C ASP A 58 -3.38 -23.27 13.10
N GLY A 59 -2.91 -24.28 12.40
CA GLY A 59 -2.35 -25.45 13.04
C GLY A 59 -3.01 -26.77 12.67
N VAL A 60 -3.53 -26.86 11.45
CA VAL A 60 -4.08 -28.12 10.97
C VAL A 60 -3.08 -29.24 11.14
N HIS A 61 -1.84 -29.02 10.70
CA HIS A 61 -0.89 -30.12 10.72
C HIS A 61 -0.46 -30.44 12.13
N ARG A 62 -0.26 -29.43 12.98
CA ARG A 62 0.04 -29.71 14.38
C ARG A 62 -1.10 -30.47 15.04
N PHE A 63 -2.33 -30.05 14.78
CA PHE A 63 -3.47 -30.75 15.37
C PHE A 63 -3.51 -32.22 14.96
N MET A 64 -3.41 -32.49 13.65
CA MET A 64 -3.52 -33.87 13.21
C MET A 64 -2.36 -34.70 13.73
N SER A 65 -1.17 -34.10 13.82
CA SER A 65 0.00 -34.80 14.35
C SER A 65 -0.22 -35.20 15.81
N LEU A 66 -0.68 -34.25 16.63
CA LEU A 66 -0.96 -34.54 18.04
C LEU A 66 -2.01 -35.62 18.20
N LYS A 67 -3.06 -35.57 17.38
CA LYS A 67 -4.09 -36.61 17.42
C LYS A 67 -3.50 -37.98 17.12
N ALA A 68 -2.73 -38.08 16.03
CA ALA A 68 -2.15 -39.36 15.66
C ALA A 68 -1.17 -39.88 16.72
N LEU A 69 -0.47 -38.98 17.40
CA LEU A 69 0.44 -39.39 18.46
C LEU A 69 -0.27 -39.74 19.77
N GLY A 70 -1.60 -39.76 19.80
CA GLY A 70 -2.33 -40.23 20.97
C GLY A 70 -2.72 -39.17 21.98
N CYS A 71 -2.63 -37.89 21.63
CA CYS A 71 -3.03 -36.85 22.56
C CYS A 71 -4.55 -36.82 22.70
N GLU A 72 -5.03 -36.73 23.93
CA GLU A 72 -6.45 -36.61 24.19
C GLU A 72 -6.89 -35.15 24.38
N VAL A 73 -5.94 -34.23 24.59
CA VAL A 73 -6.22 -32.81 24.68
C VAL A 73 -5.17 -32.05 23.85
N ILE A 74 -5.56 -30.88 23.37
CA ILE A 74 -4.76 -30.09 22.45
C ILE A 74 -4.48 -28.76 23.13
N PRO A 75 -3.22 -28.31 23.20
CA PRO A 75 -2.95 -26.94 23.67
C PRO A 75 -3.36 -25.96 22.59
N VAL A 76 -4.34 -25.13 22.92
CA VAL A 76 -4.86 -24.15 21.98
C VAL A 76 -4.64 -22.75 22.54
N GLN A 77 -4.71 -21.79 21.63
CA GLN A 77 -4.86 -20.39 21.99
C GLN A 77 -6.18 -19.95 21.38
N VAL A 78 -7.10 -19.49 22.21
CA VAL A 78 -8.41 -19.07 21.75
C VAL A 78 -8.33 -17.63 21.26
N ILE A 79 -8.62 -17.43 19.98
CA ILE A 79 -8.52 -16.15 19.32
C ILE A 79 -9.91 -15.54 19.24
N GLN A 80 -10.04 -14.27 19.66
CA GLN A 80 -11.30 -13.56 19.60
C GLN A 80 -11.56 -13.00 18.21
N ARG A 81 -12.83 -12.79 17.88
CA ARG A 81 -13.16 -12.35 16.54
C ARG A 81 -12.55 -11.00 16.21
N THR A 82 -12.43 -10.11 17.20
CA THR A 82 -11.82 -8.81 16.93
C THR A 82 -10.32 -8.89 16.66
N GLN A 83 -9.67 -10.02 16.89
CA GLN A 83 -8.22 -10.08 16.72
C GLN A 83 -7.77 -10.88 15.50
N TYR A 84 -8.69 -11.20 14.58
CA TYR A 84 -8.26 -11.76 13.31
C TYR A 84 -9.12 -11.20 12.19
N SER A 85 -8.61 -11.31 10.98
CA SER A 85 -9.37 -11.05 9.76
C SER A 85 -9.07 -12.18 8.79
N ILE A 86 -9.90 -12.31 7.77
CA ILE A 86 -9.76 -13.41 6.82
C ILE A 86 -9.56 -12.82 5.44
N GLY A 87 -8.44 -13.17 4.81
CA GLY A 87 -8.23 -12.85 3.43
C GLY A 87 -7.99 -14.10 2.63
N SER A 88 -7.30 -13.97 1.49
CA SER A 88 -7.06 -15.07 0.58
C SER A 88 -5.61 -15.02 0.11
N TRP A 89 -5.09 -16.16 -0.30
CA TRP A 89 -3.80 -16.24 -0.99
C TRP A 89 -4.07 -16.40 -2.48
N HIS A 90 -3.45 -15.56 -3.30
CA HIS A 90 -3.32 -15.89 -4.71
C HIS A 90 -2.12 -16.81 -4.89
N HIS A 91 -2.15 -17.62 -5.95
CA HIS A 91 -1.12 -18.62 -6.21
C HIS A 91 -0.43 -18.28 -7.52
N LYS A 92 0.86 -17.95 -7.44
CA LYS A 92 1.64 -17.60 -8.61
C LYS A 92 2.41 -18.83 -9.07
N ILE A 93 2.15 -19.27 -10.29
CA ILE A 93 2.91 -20.34 -10.93
C ILE A 93 3.95 -19.67 -11.82
N PRO A 94 5.25 -19.80 -11.53
CA PRO A 94 6.25 -18.95 -12.24
C PRO A 94 6.55 -19.35 -13.67
N ASN A 95 6.12 -20.54 -14.13
CA ASN A 95 6.22 -20.86 -15.56
C ASN A 95 5.02 -21.74 -15.89
N GLY A 96 3.90 -21.10 -16.29
CA GLY A 96 2.66 -21.84 -16.44
C GLY A 96 2.70 -22.84 -17.57
N ALA A 97 3.46 -22.55 -18.64
CA ALA A 97 3.50 -23.46 -19.77
C ALA A 97 4.25 -24.74 -19.43
N TRP A 98 5.00 -24.77 -18.34
CA TRP A 98 5.67 -25.99 -17.92
C TRP A 98 4.93 -26.66 -16.77
N CYS A 99 3.73 -26.20 -16.47
CA CYS A 99 2.92 -26.73 -15.36
C CYS A 99 1.91 -27.70 -15.98
N GLU A 100 2.22 -29.00 -15.89
CA GLU A 100 1.40 -30.01 -16.55
C GLU A 100 -0.06 -29.94 -16.09
N GLY A 101 -0.27 -29.66 -14.80
CA GLY A 101 -1.64 -29.58 -14.30
C GLY A 101 -2.46 -28.49 -14.95
N LEU A 102 -1.79 -27.46 -15.49
CA LEU A 102 -2.48 -26.36 -16.17
C LEU A 102 -2.51 -26.51 -17.68
N THR A 103 -1.63 -27.31 -18.27
CA THR A 103 -1.59 -27.52 -19.71
C THR A 103 -2.30 -28.80 -20.13
N ASP A 104 -2.88 -29.49 -19.15
CA ASP A 104 -3.75 -30.65 -19.37
C ASP A 104 -4.93 -30.28 -20.25
N GLU A 105 -5.56 -31.33 -20.81
CA GLU A 105 -6.89 -31.16 -21.39
C GLU A 105 -7.79 -30.47 -20.37
N GLU A 106 -8.39 -29.35 -20.79
CA GLU A 106 -9.23 -28.56 -19.90
C GLU A 106 -10.70 -28.95 -20.06
N LEU A 107 -11.39 -29.05 -18.93
CA LEU A 107 -12.78 -29.50 -18.89
C LEU A 107 -13.74 -28.52 -18.25
N LEU A 108 -13.26 -27.59 -17.44
CA LEU A 108 -14.13 -26.65 -16.77
C LEU A 108 -14.53 -25.52 -17.71
N PRO A 109 -15.58 -24.79 -17.37
CA PRO A 109 -16.14 -23.79 -18.32
C PRO A 109 -15.51 -22.41 -18.18
N TRP A 110 -14.18 -22.36 -18.33
CA TRP A 110 -13.49 -21.08 -18.32
C TRP A 110 -14.04 -20.16 -19.40
N THR A 111 -14.11 -18.86 -19.10
CA THR A 111 -14.60 -17.88 -20.05
C THR A 111 -13.85 -16.56 -19.82
N THR A 112 -13.72 -15.78 -20.89
CA THR A 112 -13.11 -14.45 -20.77
C THR A 112 -14.12 -13.35 -20.56
N GLU A 113 -15.42 -13.65 -20.55
CA GLU A 113 -16.45 -12.63 -20.38
C GLU A 113 -16.43 -12.09 -18.96
N VAL A 114 -16.49 -10.76 -18.84
CA VAL A 114 -16.71 -10.09 -17.56
C VAL A 114 -18.21 -9.92 -17.36
N ARG A 115 -18.70 -10.38 -16.21
CA ARG A 115 -20.13 -10.35 -15.93
C ARG A 115 -20.43 -9.45 -14.73
N ASP A 116 -21.72 -9.26 -14.48
CA ASP A 116 -22.14 -8.40 -13.36
C ASP A 116 -21.75 -9.00 -12.02
N GLU A 117 -21.67 -10.33 -11.92
CA GLU A 117 -21.36 -10.99 -10.66
C GLU A 117 -19.86 -11.29 -10.58
N THR A 118 -19.39 -11.50 -9.36
CA THR A 118 -18.00 -11.77 -9.09
C THR A 118 -17.64 -13.18 -9.52
N PRO A 119 -16.48 -13.38 -10.13
CA PRO A 119 -16.07 -14.73 -10.54
C PRO A 119 -15.69 -15.58 -9.34
N PHE A 120 -16.00 -16.87 -9.43
CA PHE A 120 -15.61 -17.83 -8.41
C PHE A 120 -14.09 -18.02 -8.40
N ILE A 121 -13.50 -18.22 -9.56
CA ILE A 121 -12.04 -18.33 -9.69
C ILE A 121 -11.60 -17.55 -10.90
N THR A 122 -10.44 -16.91 -10.80
CA THR A 122 -9.83 -16.15 -11.88
C THR A 122 -8.44 -16.69 -12.13
N MET A 123 -8.15 -16.99 -13.39
CA MET A 123 -6.81 -17.37 -13.82
C MET A 123 -6.27 -16.28 -14.72
N CYS A 124 -5.12 -15.72 -14.35
CA CYS A 124 -4.52 -14.57 -15.02
C CYS A 124 -3.18 -14.95 -15.65
N ASP A 125 -2.92 -14.43 -16.84
CA ASP A 125 -1.55 -14.32 -17.33
C ASP A 125 -1.29 -12.85 -17.60
N GLN A 126 -0.14 -12.55 -18.21
CA GLN A 126 0.27 -11.15 -18.33
C GLN A 126 -0.74 -10.32 -19.12
N GLN A 127 -1.45 -10.92 -20.08
CA GLN A 127 -2.29 -10.16 -20.99
C GLN A 127 -3.79 -10.42 -20.83
N THR A 128 -4.18 -11.54 -20.22
CA THR A 128 -5.56 -11.98 -20.31
C THR A 128 -6.02 -12.57 -18.98
N GLU A 129 -7.34 -12.64 -18.82
CA GLU A 129 -7.96 -13.27 -17.69
C GLU A 129 -9.03 -14.24 -18.17
N HIS A 130 -9.10 -15.40 -17.51
CA HIS A 130 -10.19 -16.34 -17.68
C HIS A 130 -10.86 -16.52 -16.33
N TYR A 131 -12.17 -16.74 -16.37
CA TYR A 131 -12.98 -16.80 -15.16
C TYR A 131 -13.73 -18.12 -15.10
N LEU A 132 -13.95 -18.58 -13.88
CA LEU A 132 -14.98 -19.58 -13.58
C LEU A 132 -16.05 -18.89 -12.76
N TYR A 133 -17.28 -18.93 -13.21
CA TYR A 133 -18.41 -18.34 -12.49
C TYR A 133 -19.20 -19.42 -11.77
N ALA A 134 -19.50 -19.20 -10.50
CA ALA A 134 -20.28 -20.19 -9.74
C ALA A 134 -21.54 -20.62 -10.49
N ALA A 135 -22.17 -19.68 -11.20
CA ALA A 135 -23.42 -19.99 -11.89
C ALA A 135 -23.26 -20.99 -13.04
N ASP A 136 -22.03 -21.36 -13.41
CA ASP A 136 -21.80 -22.29 -14.52
C ASP A 136 -21.41 -23.70 -14.07
N LEU A 137 -21.21 -23.93 -12.77
CA LEU A 137 -20.68 -25.18 -12.27
C LEU A 137 -21.77 -26.20 -11.98
N THR A 138 -21.49 -27.46 -12.30
CA THR A 138 -22.38 -28.58 -12.00
C THR A 138 -21.99 -29.24 -10.68
N ALA A 139 -20.75 -29.71 -10.60
CA ALA A 139 -20.19 -30.21 -9.36
C ALA A 139 -20.31 -29.17 -8.25
N ASP A 140 -20.39 -29.66 -7.00
CA ASP A 140 -20.27 -28.79 -5.83
C ASP A 140 -19.13 -27.81 -6.07
N LYS A 141 -19.39 -26.52 -5.81
CA LYS A 141 -18.32 -25.55 -6.07
C LYS A 141 -17.08 -25.92 -5.30
N LEU A 142 -17.24 -26.57 -4.12
CA LEU A 142 -16.07 -26.93 -3.34
C LEU A 142 -15.22 -27.98 -4.05
N ASP A 143 -15.86 -28.98 -4.67
CA ASP A 143 -15.10 -29.99 -5.40
C ASP A 143 -14.40 -29.42 -6.62
N VAL A 144 -15.02 -28.43 -7.28
CA VAL A 144 -14.31 -27.80 -8.40
C VAL A 144 -13.12 -27.02 -7.89
N TRP A 145 -13.31 -26.29 -6.79
CA TRP A 145 -12.22 -25.49 -6.22
C TRP A 145 -11.00 -26.35 -5.91
N LYS A 146 -11.23 -27.50 -5.26
CA LYS A 146 -10.15 -28.40 -4.87
C LYS A 146 -9.45 -29.01 -6.08
N LYS A 147 -10.22 -29.38 -7.10
CA LYS A 147 -9.61 -29.87 -8.34
C LYS A 147 -8.70 -28.83 -8.96
N VAL A 148 -9.14 -27.57 -9.02
CA VAL A 148 -8.30 -26.54 -9.60
C VAL A 148 -7.02 -26.36 -8.80
N VAL A 149 -7.14 -26.28 -7.46
CA VAL A 149 -5.97 -25.98 -6.64
C VAL A 149 -4.98 -27.14 -6.68
N ASN A 150 -5.47 -28.37 -6.50
CA ASN A 150 -4.55 -29.50 -6.40
C ASN A 150 -3.92 -29.83 -7.76
N SER A 151 -4.45 -29.29 -8.85
CA SER A 151 -3.87 -29.58 -10.15
C SER A 151 -2.44 -29.07 -10.28
N TYR A 152 -2.08 -28.03 -9.53
CA TYR A 152 -0.76 -27.42 -9.64
C TYR A 152 -0.04 -27.24 -8.31
N SER A 153 -0.68 -27.57 -7.18
CA SER A 153 -0.20 -27.06 -5.89
C SER A 153 1.11 -27.69 -5.47
N ALA A 154 1.29 -28.99 -5.68
CA ALA A 154 2.50 -29.65 -5.23
C ALA A 154 3.60 -29.70 -6.27
N SER A 155 3.33 -29.28 -7.51
CA SER A 155 4.18 -29.64 -8.63
C SER A 155 4.72 -28.47 -9.44
N CYS A 156 4.15 -27.27 -9.30
CA CYS A 156 4.46 -26.18 -10.22
C CYS A 156 5.10 -24.98 -9.50
N ASN A 157 5.90 -25.24 -8.47
CA ASN A 157 6.73 -24.19 -7.85
C ASN A 157 5.89 -23.01 -7.40
N VAL A 158 4.72 -23.28 -6.84
CA VAL A 158 3.77 -22.22 -6.52
C VAL A 158 4.35 -21.26 -5.50
N GLU A 159 4.08 -19.98 -5.70
CA GLU A 159 4.41 -18.95 -4.73
C GLU A 159 3.11 -18.28 -4.28
N ARG A 160 2.84 -18.33 -2.98
CA ARG A 160 1.63 -17.72 -2.45
C ARG A 160 1.83 -16.22 -2.28
N VAL A 161 0.88 -15.44 -2.76
CA VAL A 161 0.98 -13.98 -2.72
C VAL A 161 -0.29 -13.45 -2.07
N PRO A 162 -0.18 -12.48 -1.16
CA PRO A 162 -1.39 -11.98 -0.49
C PRO A 162 -2.36 -11.38 -1.51
N HIS A 163 -3.64 -11.75 -1.39
CA HIS A 163 -4.63 -11.32 -2.39
C HIS A 163 -4.67 -9.80 -2.54
N SER A 164 -4.23 -9.07 -1.52
CA SER A 164 -4.22 -7.61 -1.56
C SER A 164 -2.96 -7.03 -2.18
N ALA A 165 -2.02 -7.86 -2.64
CA ALA A 165 -0.72 -7.37 -3.04
C ALA A 165 -0.75 -6.80 -4.46
N CYS A 166 0.26 -5.97 -4.76
CA CYS A 166 0.49 -5.50 -6.11
C CYS A 166 1.51 -6.41 -6.77
N LEU A 167 1.11 -7.03 -7.89
CA LEU A 167 1.94 -8.00 -8.57
C LEU A 167 1.88 -7.75 -10.06
N CYS A 168 3.02 -7.79 -10.71
CA CYS A 168 3.10 -7.68 -12.16
C CYS A 168 3.63 -9.00 -12.71
N LEU A 169 2.89 -9.59 -13.63
CA LEU A 169 3.22 -10.89 -14.18
C LEU A 169 4.18 -10.74 -15.35
N ASP A 170 5.19 -11.60 -15.41
CA ASP A 170 6.07 -11.64 -16.59
C ASP A 170 5.38 -12.47 -17.68
N SER A 171 6.11 -12.77 -18.76
CA SER A 171 5.47 -13.33 -19.95
C SER A 171 5.05 -14.79 -19.81
N ASN A 172 5.50 -15.51 -18.78
CA ASN A 172 5.05 -16.89 -18.59
C ASN A 172 4.39 -17.16 -17.24
N ASP A 173 4.21 -16.17 -16.38
CA ASP A 173 3.52 -16.43 -15.12
C ASP A 173 2.03 -16.73 -15.34
N ILE A 174 1.48 -17.55 -14.44
CA ILE A 174 0.04 -17.67 -14.27
C ILE A 174 -0.28 -17.30 -12.82
N LEU A 175 -1.36 -16.54 -12.63
CA LEU A 175 -1.80 -16.16 -11.29
C LEU A 175 -3.22 -16.68 -11.09
N MET A 176 -3.42 -17.47 -10.04
CA MET A 176 -4.74 -17.99 -9.67
C MET A 176 -5.27 -17.13 -8.52
N LYS A 177 -6.44 -16.52 -8.72
CA LYS A 177 -7.06 -15.69 -7.69
C LYS A 177 -8.32 -16.38 -7.16
N TYR A 178 -8.45 -16.40 -5.85
CA TYR A 178 -9.61 -17.00 -5.19
C TYR A 178 -10.29 -15.96 -4.32
N GLN A 179 -11.58 -16.14 -4.10
CA GLN A 179 -12.33 -15.17 -3.32
C GLN A 179 -12.13 -15.43 -1.82
N PRO A 180 -11.89 -14.38 -1.03
CA PRO A 180 -11.90 -14.56 0.43
C PRO A 180 -13.26 -15.07 0.90
N LEU A 181 -13.23 -15.95 1.90
CA LEU A 181 -14.43 -16.45 2.56
C LEU A 181 -14.65 -15.72 3.87
N GLN A 182 -15.91 -15.54 4.23
CA GLN A 182 -16.28 -15.02 5.54
C GLN A 182 -16.39 -16.17 6.54
N ILE A 183 -16.32 -15.82 7.83
CA ILE A 183 -16.29 -16.87 8.85
C ILE A 183 -17.54 -17.73 8.76
N GLY A 184 -18.69 -17.13 8.46
CA GLY A 184 -19.92 -17.89 8.34
C GLY A 184 -19.89 -18.91 7.22
N GLU A 185 -19.26 -18.56 6.10
CA GLU A 185 -19.12 -19.49 4.98
C GLU A 185 -18.22 -20.65 5.36
N ILE A 186 -17.14 -20.37 6.09
CA ILE A 186 -16.24 -21.43 6.54
C ILE A 186 -16.96 -22.38 7.49
N GLU A 187 -17.82 -21.83 8.35
CA GLU A 187 -18.55 -22.66 9.30
C GLU A 187 -19.56 -23.56 8.58
N ALA A 188 -20.18 -23.04 7.52
CA ALA A 188 -21.08 -23.88 6.73
C ALA A 188 -20.33 -25.03 6.09
N VAL A 189 -19.10 -24.80 5.65
CA VAL A 189 -18.28 -25.88 5.10
C VAL A 189 -18.05 -26.96 6.16
N VAL A 190 -17.63 -26.55 7.35
CA VAL A 190 -17.42 -27.50 8.45
C VAL A 190 -18.70 -28.24 8.80
N GLN A 191 -19.83 -27.52 8.84
CA GLN A 191 -21.09 -28.17 9.19
C GLN A 191 -21.42 -29.29 8.20
N ARG A 192 -21.05 -29.11 6.94
CA ARG A 192 -21.25 -30.13 5.92
C ARG A 192 -20.23 -31.27 5.99
N GLY A 193 -19.27 -31.22 6.92
CA GLY A 193 -18.25 -32.24 6.94
C GLY A 193 -17.21 -32.09 5.84
N GLN A 194 -17.08 -30.90 5.27
CA GLN A 194 -16.16 -30.67 4.15
C GLN A 194 -14.97 -29.83 4.61
N THR A 195 -13.98 -29.70 3.71
CA THR A 195 -12.85 -28.82 3.95
C THR A 195 -12.58 -28.01 2.68
N VAL A 196 -12.03 -26.82 2.84
CA VAL A 196 -11.60 -26.01 1.70
C VAL A 196 -10.23 -26.49 1.26
N PRO A 197 -9.79 -26.19 0.04
CA PRO A 197 -8.45 -26.60 -0.38
C PRO A 197 -7.38 -25.97 0.51
N ALA A 198 -6.25 -26.65 0.59
CA ALA A 198 -5.12 -26.15 1.36
C ALA A 198 -4.53 -24.89 0.74
N GLY A 199 -4.06 -24.00 1.61
CA GLY A 199 -3.22 -22.88 1.21
C GLY A 199 -3.94 -21.77 0.48
N VAL A 200 -5.26 -21.62 0.66
CA VAL A 200 -5.99 -20.56 0.00
C VAL A 200 -6.55 -19.55 1.00
N THR A 201 -7.06 -20.00 2.15
CA THR A 201 -7.54 -19.06 3.16
C THR A 201 -6.34 -18.47 3.89
N ARG A 202 -6.41 -17.17 4.15
CA ARG A 202 -5.32 -16.42 4.77
C ARG A 202 -5.87 -15.70 5.99
N PHE A 203 -5.67 -16.29 7.17
CA PHE A 203 -6.02 -15.64 8.43
C PHE A 203 -4.90 -14.72 8.87
N ASN A 204 -5.26 -13.47 9.16
CA ASN A 204 -4.36 -12.49 9.74
C ASN A 204 -4.70 -12.39 11.22
N ILE A 205 -3.77 -12.80 12.07
CA ILE A 205 -4.07 -13.04 13.48
C ILE A 205 -3.12 -12.21 14.32
N ALA A 206 -3.70 -11.34 15.17
CA ALA A 206 -2.94 -10.51 16.08
C ALA A 206 -2.77 -11.22 17.42
N GLY A 207 -1.56 -11.17 17.96
CA GLY A 207 -1.31 -11.63 19.31
C GLY A 207 -1.07 -13.11 19.46
N ARG A 208 -0.52 -13.78 18.45
CA ARG A 208 -0.26 -15.20 18.59
C ARG A 208 0.84 -15.44 19.61
N CYS A 209 0.69 -16.54 20.35
CA CYS A 209 1.69 -16.94 21.33
C CYS A 209 2.62 -17.96 20.68
N LEU A 210 3.94 -17.72 20.76
CA LEU A 210 4.92 -18.54 20.08
C LEU A 210 5.93 -19.13 21.06
N ASN A 211 6.41 -20.33 20.72
CA ASN A 211 7.47 -20.98 21.45
C ASN A 211 7.06 -21.39 22.86
N LEU A 212 5.78 -21.76 23.03
CA LEU A 212 5.30 -22.25 24.32
C LEU A 212 5.94 -23.59 24.69
N GLN A 213 6.22 -24.44 23.70
CA GLN A 213 6.94 -25.70 23.92
C GLN A 213 6.22 -26.57 24.96
N VAL A 214 5.01 -26.99 24.62
CA VAL A 214 4.20 -27.81 25.52
C VAL A 214 4.69 -29.26 25.45
N PRO A 215 5.14 -29.84 26.57
CA PRO A 215 5.55 -31.26 26.54
C PRO A 215 4.34 -32.16 26.30
N LEU A 216 4.48 -33.09 25.35
CA LEU A 216 3.36 -33.97 25.03
C LEU A 216 2.89 -34.78 26.22
N HIS A 217 3.75 -34.99 27.23
CA HIS A 217 3.29 -35.81 28.34
C HIS A 217 2.14 -35.15 29.12
N LEU A 218 1.92 -33.84 28.95
CA LEU A 218 0.78 -33.19 29.59
C LEU A 218 -0.55 -33.44 28.86
N LEU A 219 -0.52 -34.08 27.70
CA LEU A 219 -1.65 -34.11 26.77
C LEU A 219 -2.27 -35.48 26.61
N LYS A 220 -1.79 -36.49 27.33
CA LYS A 220 -2.22 -37.86 27.06
C LYS A 220 -3.43 -38.28 27.87
N ASN A 221 -3.85 -37.51 28.86
CA ASN A 221 -4.95 -37.91 29.74
C ASN A 221 -6.09 -36.92 29.62
N SER A 222 -7.27 -37.43 29.23
CA SER A 222 -8.48 -36.60 29.14
C SER A 222 -8.94 -36.11 30.51
N ASN A 223 -8.51 -36.73 31.61
CA ASN A 223 -8.98 -36.37 32.94
C ASN A 223 -7.97 -35.42 33.60
N LEU A 224 -8.01 -35.29 34.92
CA LEU A 224 -7.23 -34.24 35.58
C LEU A 224 -5.97 -34.74 36.27
N GLY A 225 -5.58 -34.07 37.35
CA GLY A 225 -4.21 -34.15 37.83
C GLY A 225 -3.29 -33.40 36.90
N ASN A 226 -3.43 -33.62 35.59
CA ASN A 226 -2.68 -32.84 34.61
C ASN A 226 -3.06 -31.37 34.61
N GLN A 227 -4.22 -30.99 35.15
CA GLN A 227 -4.60 -29.58 35.06
C GLN A 227 -3.76 -28.72 36.02
N GLU A 228 -3.54 -29.20 37.24
CA GLU A 228 -2.58 -28.54 38.11
C GLU A 228 -1.22 -28.44 37.45
N GLN A 229 -0.75 -29.54 36.83
CA GLN A 229 0.52 -29.50 36.14
C GLN A 229 0.49 -28.53 34.96
N TRP A 230 -0.64 -28.44 34.26
CA TRP A 230 -0.77 -27.47 33.19
C TRP A 230 -0.64 -26.04 33.72
N HIS A 231 -1.33 -25.73 34.81
CA HIS A 231 -1.24 -24.39 35.41
C HIS A 231 0.19 -24.08 35.82
N THR A 232 0.87 -25.03 36.45
CA THR A 232 2.26 -24.80 36.86
C THR A 232 3.15 -24.53 35.64
N PHE A 233 3.02 -25.38 34.62
CA PHE A 233 3.76 -25.19 33.36
C PHE A 233 3.50 -23.79 32.81
N LEU A 234 2.24 -23.43 32.67
CA LEU A 234 1.85 -22.14 32.09
C LEU A 234 2.40 -20.97 32.89
N GLN A 235 2.29 -21.04 34.22
CA GLN A 235 2.82 -19.97 35.06
C GLN A 235 4.29 -19.72 34.77
N LYS A 236 5.08 -20.80 34.70
CA LYS A 236 6.51 -20.68 34.44
C LYS A 236 6.77 -20.06 33.06
N LYS A 237 6.05 -20.54 32.04
CA LYS A 237 6.27 -20.03 30.69
C LYS A 237 5.89 -18.56 30.58
N ILE A 238 4.76 -18.18 31.18
CA ILE A 238 4.29 -16.80 31.06
C ILE A 238 5.27 -15.85 31.73
N GLU A 239 6.03 -16.33 32.72
CA GLU A 239 7.00 -15.46 33.37
C GLU A 239 8.02 -14.93 32.37
N SER A 240 8.32 -15.70 31.32
CA SER A 240 9.35 -15.33 30.37
C SER A 240 8.78 -14.76 29.07
N MET A 241 7.49 -14.43 29.06
CA MET A 241 6.84 -13.94 27.85
C MET A 241 7.20 -12.48 27.57
N ARG A 242 7.43 -12.16 26.30
CA ARG A 242 7.67 -10.79 25.88
C ARG A 242 6.86 -10.49 24.63
N CYS A 243 6.48 -9.24 24.47
CA CYS A 243 5.63 -8.80 23.37
C CYS A 243 6.44 -8.08 22.30
N TYR A 244 6.18 -8.40 21.05
CA TYR A 244 6.85 -7.71 19.94
C TYR A 244 5.79 -7.25 18.96
N THR A 245 5.87 -5.97 18.57
CA THR A 245 4.80 -5.35 17.80
C THR A 245 5.12 -5.21 16.33
N GLU A 246 6.40 -5.13 15.97
CA GLU A 246 6.78 -5.00 14.57
C GLU A 246 7.08 -6.39 14.01
N LYS A 247 7.37 -6.42 12.71
CA LYS A 247 7.69 -7.69 12.05
C LYS A 247 8.90 -8.35 12.68
N ILE A 248 8.82 -9.66 12.85
CA ILE A 248 9.89 -10.43 13.47
C ILE A 248 10.26 -11.62 12.60
N TYR A 249 11.53 -12.01 12.67
CA TYR A 249 12.05 -13.22 12.06
C TYR A 249 12.43 -14.15 13.21
N LEU A 250 11.65 -15.20 13.40
CA LEU A 250 11.82 -16.11 14.52
C LEU A 250 12.55 -17.36 14.06
N ILE A 251 13.64 -17.66 14.73
CA ILE A 251 14.36 -18.91 14.55
C ILE A 251 13.60 -19.99 15.32
N GLU A 252 13.05 -20.96 14.60
CA GLU A 252 12.20 -21.98 15.21
C GLU A 252 12.96 -23.30 15.28
N ALA A 253 13.93 -23.35 16.19
CA ALA A 253 14.75 -24.54 16.40
C ALA A 253 15.46 -24.37 17.73
N GLU A 254 15.93 -25.48 18.28
CA GLU A 254 16.66 -25.42 19.54
C GLU A 254 18.11 -25.86 19.32
N MET B 1 -12.65 27.70 13.72
CA MET B 1 -11.29 28.11 14.06
C MET B 1 -10.97 29.49 13.49
N LYS B 2 -10.35 30.33 14.32
CA LYS B 2 -9.85 31.64 13.89
C LYS B 2 -8.37 31.61 13.51
N GLN B 3 -7.68 30.50 13.79
CA GLN B 3 -6.29 30.38 13.37
C GLN B 3 -6.14 30.54 11.87
N ILE B 4 -7.14 30.09 11.10
CA ILE B 4 -7.06 30.20 9.65
C ILE B 4 -7.01 31.66 9.22
N TYR B 5 -7.93 32.46 9.75
CA TYR B 5 -8.01 33.88 9.44
C TYR B 5 -6.63 34.53 9.47
N ASP B 6 -5.83 34.23 10.49
CA ASP B 6 -4.53 34.86 10.64
C ASP B 6 -3.53 34.41 9.58
N THR B 7 -3.76 33.29 8.90
CA THR B 7 -2.82 32.82 7.88
C THR B 7 -3.14 33.38 6.50
N LEU B 8 -4.22 34.15 6.35
CA LEU B 8 -4.63 34.72 5.08
C LEU B 8 -4.11 36.15 5.03
N GLN B 9 -3.11 36.39 4.19
CA GLN B 9 -2.40 37.66 4.24
C GLN B 9 -2.09 38.17 2.84
N LEU B 10 -1.89 39.48 2.76
CA LEU B 10 -1.46 40.16 1.54
C LEU B 10 0.04 40.41 1.63
N ILE B 11 0.80 39.74 0.78
CA ILE B 11 2.26 39.76 0.84
C ILE B 11 2.80 40.53 -0.35
N PRO B 12 3.75 41.44 -0.16
CA PRO B 12 4.37 42.10 -1.32
C PRO B 12 4.93 41.09 -2.30
N VAL B 13 4.64 41.32 -3.60
CA VAL B 13 5.09 40.40 -4.65
C VAL B 13 6.59 40.19 -4.57
N ASP B 14 7.34 41.22 -4.20
CA ASP B 14 8.79 41.15 -4.18
C ASP B 14 9.32 40.22 -3.09
N LYS B 15 8.49 39.79 -2.15
CA LYS B 15 8.92 38.94 -1.06
C LYS B 15 8.59 37.46 -1.29
N ILE B 16 8.11 37.09 -2.47
CA ILE B 16 7.63 35.75 -2.76
C ILE B 16 8.53 35.10 -3.79
N ASP B 17 9.01 33.89 -3.48
CA ASP B 17 9.86 33.12 -4.38
C ASP B 17 9.12 31.89 -4.88
N LEU B 18 9.47 31.48 -6.10
CA LEU B 18 9.05 30.22 -6.68
C LEU B 18 10.19 29.21 -6.56
N HIS B 19 9.84 27.92 -6.47
CA HIS B 19 10.83 26.86 -6.47
C HIS B 19 10.72 25.97 -7.70
N GLU B 20 9.77 26.26 -8.59
CA GLU B 20 9.43 25.36 -9.68
C GLU B 20 9.28 26.19 -10.95
N ALA B 21 9.86 25.71 -12.04
CA ALA B 21 9.66 26.36 -13.32
C ALA B 21 8.21 26.25 -13.75
N PHE B 22 7.71 27.27 -14.45
CA PHE B 22 6.33 27.30 -14.88
C PHE B 22 6.19 26.75 -16.30
N GLU B 23 4.94 26.50 -16.70
CA GLU B 23 4.63 26.13 -18.08
C GLU B 23 3.88 27.28 -18.74
N PRO B 24 4.40 27.87 -19.81
CA PRO B 24 3.74 29.05 -20.39
C PRO B 24 2.33 28.79 -20.87
N SER B 25 2.05 27.59 -21.38
CA SER B 25 0.68 27.27 -21.80
C SER B 25 -0.27 27.33 -20.61
N ARG B 26 0.13 26.77 -19.48
CA ARG B 26 -0.68 26.85 -18.27
C ARG B 26 -0.71 28.27 -17.71
N LEU B 27 0.35 29.05 -17.93
CA LEU B 27 0.37 30.42 -17.43
C LEU B 27 -0.60 31.30 -18.21
N GLU B 28 -0.67 31.13 -19.53
CA GLU B 28 -1.59 31.93 -20.33
C GLU B 28 -3.04 31.65 -19.95
N LYS B 29 -3.40 30.37 -19.78
CA LYS B 29 -4.78 30.04 -19.43
C LYS B 29 -5.12 30.49 -18.01
N THR B 30 -4.17 30.35 -17.07
CA THR B 30 -4.41 30.85 -15.71
C THR B 30 -4.57 32.37 -15.72
N LYS B 31 -3.65 33.08 -16.36
CA LYS B 31 -3.77 34.53 -16.48
C LYS B 31 -5.10 34.91 -17.12
N GLU B 32 -5.39 34.31 -18.28
CA GLU B 32 -6.67 34.57 -18.95
C GLU B 32 -7.84 34.38 -17.99
N SER B 33 -7.84 33.26 -17.26
CA SER B 33 -8.96 32.97 -16.36
C SER B 33 -9.09 34.03 -15.27
N ILE B 34 -7.98 34.38 -14.63
CA ILE B 34 -8.02 35.40 -13.58
C ILE B 34 -8.44 36.74 -14.16
N ALA B 35 -7.97 37.06 -15.36
CA ALA B 35 -8.31 38.34 -15.98
C ALA B 35 -9.81 38.43 -16.24
N LYS B 36 -10.40 37.36 -16.79
CA LYS B 36 -11.84 37.36 -17.02
C LYS B 36 -12.60 37.55 -15.73
N GLU B 37 -12.22 36.81 -14.69
CA GLU B 37 -12.97 36.78 -13.44
C GLU B 37 -12.69 38.00 -12.56
N GLN B 38 -11.49 38.56 -12.63
CA GLN B 38 -11.09 39.67 -11.77
C GLN B 38 -11.09 39.28 -10.30
N HIS B 39 -11.03 37.98 -10.01
CA HIS B 39 -10.88 37.47 -8.66
C HIS B 39 -9.85 36.35 -8.68
N LEU B 40 -9.15 36.18 -7.56
CA LEU B 40 -8.31 35.01 -7.34
C LEU B 40 -9.14 34.01 -6.55
N ARG B 41 -9.56 32.94 -7.20
CA ARG B 41 -10.46 31.99 -6.54
C ARG B 41 -9.84 31.40 -5.29
N HIS B 42 -8.63 30.84 -5.42
CA HIS B 42 -7.97 30.13 -4.34
C HIS B 42 -6.66 30.83 -3.99
N PRO B 43 -6.41 31.15 -2.73
CA PRO B 43 -5.20 31.89 -2.39
C PRO B 43 -3.95 31.08 -2.67
N VAL B 44 -2.86 31.79 -2.97
CA VAL B 44 -1.56 31.14 -3.16
C VAL B 44 -1.08 30.59 -1.83
N LEU B 45 -0.64 29.33 -1.84
CA LEU B 45 -0.13 28.67 -0.64
C LEU B 45 1.38 28.85 -0.58
N VAL B 46 1.88 29.40 0.52
CA VAL B 46 3.29 29.72 0.69
C VAL B 46 3.74 29.24 2.06
N VAL B 47 5.06 29.18 2.22
CA VAL B 47 5.67 28.89 3.51
C VAL B 47 6.63 30.03 3.84
N LYS B 48 6.77 30.33 5.13
CA LYS B 48 7.69 31.37 5.54
C LYS B 48 9.13 30.88 5.34
N THR B 49 9.96 31.76 4.80
CA THR B 49 11.33 31.46 4.40
C THR B 49 12.30 32.27 5.26
N LEU B 50 13.61 32.09 5.01
CA LEU B 50 14.59 32.92 5.68
C LEU B 50 14.59 34.33 5.08
N PHE B 51 15.16 35.27 5.83
CA PHE B 51 15.20 36.69 5.48
C PHE B 51 13.82 37.34 5.53
N GLY B 52 12.80 36.62 6.01
CA GLY B 52 11.46 37.15 6.05
C GLY B 52 10.67 37.00 4.76
N ARG B 53 11.15 36.18 3.82
CA ARG B 53 10.48 35.99 2.55
C ARG B 53 9.50 34.81 2.62
N TYR B 54 8.88 34.51 1.49
CA TYR B 54 7.90 33.44 1.37
C TYR B 54 8.16 32.63 0.11
N MET B 55 7.89 31.33 0.17
CA MET B 55 8.10 30.43 -0.94
C MET B 55 6.78 29.76 -1.31
N VAL B 56 6.38 29.90 -2.57
CA VAL B 56 5.16 29.28 -3.05
C VAL B 56 5.32 27.77 -3.05
N ILE B 57 4.39 27.07 -2.39
CA ILE B 57 4.31 25.61 -2.48
C ILE B 57 3.09 25.13 -3.25
N ASP B 58 2.11 26.01 -3.48
CA ASP B 58 1.07 25.75 -4.48
C ASP B 58 0.60 27.09 -5.00
N GLY B 59 0.72 27.30 -6.30
CA GLY B 59 0.28 28.56 -6.89
C GLY B 59 1.35 29.23 -7.73
N VAL B 60 2.20 28.45 -8.38
CA VAL B 60 3.22 29.03 -9.26
C VAL B 60 2.55 29.85 -10.35
N HIS B 61 1.51 29.32 -10.97
CA HIS B 61 0.90 30.01 -12.10
C HIS B 61 -0.05 31.11 -11.67
N ARG B 62 -0.75 30.93 -10.54
CA ARG B 62 -1.56 32.03 -10.01
C ARG B 62 -0.69 33.23 -9.66
N PHE B 63 0.41 32.99 -8.93
CA PHE B 63 1.31 34.08 -8.55
C PHE B 63 1.72 34.90 -9.76
N MET B 64 2.28 34.25 -10.78
CA MET B 64 2.82 34.99 -11.91
C MET B 64 1.72 35.60 -12.77
N SER B 65 0.53 35.01 -12.77
CA SER B 65 -0.60 35.67 -13.40
C SER B 65 -0.89 37.00 -12.72
N LEU B 66 -1.10 36.97 -11.40
CA LEU B 66 -1.30 38.22 -10.66
C LEU B 66 -0.11 39.16 -10.85
N LYS B 67 1.10 38.63 -10.72
CA LYS B 67 2.29 39.46 -10.91
C LYS B 67 2.29 40.09 -12.30
N ALA B 68 2.10 39.27 -13.34
CA ALA B 68 2.06 39.81 -14.70
C ALA B 68 0.94 40.83 -14.87
N LEU B 69 -0.15 40.67 -14.11
CA LEU B 69 -1.27 41.60 -14.17
C LEU B 69 -1.02 42.90 -13.42
N GLY B 70 0.15 43.04 -12.79
CA GLY B 70 0.49 44.26 -12.10
C GLY B 70 0.17 44.29 -10.62
N CYS B 71 -0.28 43.19 -10.04
CA CYS B 71 -0.57 43.17 -8.62
C CYS B 71 0.70 43.44 -7.81
N GLU B 72 0.63 44.42 -6.92
CA GLU B 72 1.71 44.70 -6.00
C GLU B 72 1.67 43.81 -4.77
N VAL B 73 0.55 43.14 -4.52
CA VAL B 73 0.31 42.35 -3.33
C VAL B 73 -0.40 41.07 -3.73
N ILE B 74 -0.06 39.97 -3.06
CA ILE B 74 -0.53 38.64 -3.41
C ILE B 74 -1.32 38.09 -2.24
N PRO B 75 -2.56 37.61 -2.44
CA PRO B 75 -3.31 36.94 -1.35
C PRO B 75 -2.77 35.53 -1.16
N VAL B 76 -2.16 35.28 -0.01
CA VAL B 76 -1.55 34.00 0.29
C VAL B 76 -2.22 33.39 1.50
N GLN B 77 -2.04 32.08 1.63
CA GLN B 77 -2.31 31.35 2.87
C GLN B 77 -0.99 30.76 3.36
N VAL B 78 -0.60 31.11 4.57
CA VAL B 78 0.67 30.68 5.15
C VAL B 78 0.51 29.28 5.73
N ILE B 79 1.27 28.32 5.19
CA ILE B 79 1.18 26.92 5.58
C ILE B 79 2.30 26.60 6.57
N GLN B 80 1.95 25.94 7.67
CA GLN B 80 2.92 25.51 8.66
C GLN B 80 3.45 24.11 8.33
N ARG B 81 4.66 23.82 8.82
CA ARG B 81 5.29 22.55 8.47
C ARG B 81 4.43 21.35 8.85
N THR B 82 3.69 21.46 9.95
CA THR B 82 2.93 20.32 10.43
C THR B 82 1.80 19.92 9.48
N GLN B 83 1.39 20.80 8.56
CA GLN B 83 0.21 20.55 7.74
C GLN B 83 0.53 20.20 6.30
N TYR B 84 1.78 19.83 5.99
CA TYR B 84 2.10 19.40 4.64
C TYR B 84 3.21 18.37 4.69
N SER B 85 3.34 17.63 3.59
CA SER B 85 4.45 16.71 3.39
C SER B 85 4.88 16.80 1.94
N ILE B 86 6.14 16.45 1.67
CA ILE B 86 6.71 16.54 0.34
C ILE B 86 6.94 15.14 -0.18
N GLY B 87 6.21 14.77 -1.23
CA GLY B 87 6.45 13.56 -1.96
C GLY B 87 6.96 13.84 -3.37
N SER B 88 6.75 12.88 -4.26
CA SER B 88 7.25 12.99 -5.62
C SER B 88 6.26 12.41 -6.60
N TRP B 89 6.28 12.94 -7.81
CA TRP B 89 5.55 12.35 -8.94
C TRP B 89 6.52 11.48 -9.73
N HIS B 90 6.11 10.26 -10.05
CA HIS B 90 6.83 9.51 -11.06
C HIS B 90 6.42 10.02 -12.44
N HIS B 91 7.28 9.74 -13.43
CA HIS B 91 7.04 10.13 -14.81
C HIS B 91 7.00 8.89 -15.70
N LYS B 92 5.85 8.63 -16.31
CA LYS B 92 5.68 7.51 -17.22
C LYS B 92 5.79 7.99 -18.65
N ILE B 93 6.67 7.36 -19.43
CA ILE B 93 6.76 7.64 -20.87
C ILE B 93 6.19 6.42 -21.59
N PRO B 94 4.94 6.45 -22.03
CA PRO B 94 4.29 5.23 -22.52
C PRO B 94 4.91 4.67 -23.79
N ASN B 95 5.59 5.51 -24.57
CA ASN B 95 6.35 5.06 -25.73
C ASN B 95 7.84 5.29 -25.53
N GLY B 96 8.32 5.17 -24.29
CA GLY B 96 9.69 5.54 -23.96
C GLY B 96 10.73 4.76 -24.74
N ALA B 97 10.42 3.52 -25.12
CA ALA B 97 11.37 2.76 -25.92
C ALA B 97 11.75 3.47 -27.21
N TRP B 98 10.91 4.41 -27.68
CA TRP B 98 11.21 5.15 -28.89
C TRP B 98 11.54 6.61 -28.61
N CYS B 99 11.75 6.96 -27.34
CA CYS B 99 12.04 8.34 -26.94
C CYS B 99 13.53 8.60 -27.17
N GLU B 100 13.85 9.36 -28.21
CA GLU B 100 15.25 9.53 -28.61
C GLU B 100 16.08 10.17 -27.51
N GLY B 101 15.56 11.22 -26.88
CA GLY B 101 16.30 11.92 -25.84
C GLY B 101 16.73 11.05 -24.69
N LEU B 102 16.16 9.85 -24.58
CA LEU B 102 16.40 8.96 -23.45
C LEU B 102 17.30 7.79 -23.77
N THR B 103 17.23 7.26 -24.99
CA THR B 103 17.92 6.04 -25.37
C THR B 103 19.35 6.28 -25.87
N ASP B 104 19.80 7.53 -25.93
CA ASP B 104 21.13 7.88 -26.41
C ASP B 104 22.01 8.46 -25.31
N GLU B 105 21.53 8.48 -24.06
CA GLU B 105 22.28 9.03 -22.93
C GLU B 105 23.49 8.14 -22.66
N GLU B 106 24.59 8.42 -23.38
CA GLU B 106 25.82 7.67 -23.22
C GLU B 106 26.73 8.25 -22.13
N LEU B 107 26.45 9.45 -21.65
CA LEU B 107 27.36 10.18 -20.78
C LEU B 107 27.10 9.95 -19.30
N LEU B 108 25.84 10.01 -18.88
CA LEU B 108 25.50 9.82 -17.48
C LEU B 108 25.79 8.39 -17.04
N PRO B 109 26.26 8.21 -15.80
CA PRO B 109 26.72 6.88 -15.32
C PRO B 109 25.62 6.07 -14.63
N TRP B 110 24.66 5.57 -15.42
CA TRP B 110 23.62 4.72 -14.88
C TRP B 110 24.19 3.37 -14.46
N THR B 111 23.54 2.74 -13.47
CA THR B 111 24.02 1.48 -12.93
C THR B 111 22.84 0.67 -12.38
N THR B 112 23.00 -0.65 -12.36
CA THR B 112 21.95 -1.57 -11.93
C THR B 112 22.16 -2.16 -10.54
N GLU B 113 23.29 -1.89 -9.89
CA GLU B 113 23.50 -2.48 -8.56
C GLU B 113 22.63 -1.79 -7.52
N VAL B 114 21.95 -2.59 -6.70
CA VAL B 114 21.19 -2.08 -5.57
C VAL B 114 22.13 -1.97 -4.38
N ARG B 115 22.29 -0.76 -3.85
CA ARG B 115 23.14 -0.48 -2.71
C ARG B 115 22.30 -0.19 -1.48
N ASP B 116 22.98 -0.07 -0.33
CA ASP B 116 22.27 0.22 0.90
C ASP B 116 21.74 1.64 0.94
N GLU B 117 22.26 2.55 0.11
CA GLU B 117 21.88 3.95 0.13
C GLU B 117 20.87 4.24 -0.97
N THR B 118 19.84 5.01 -0.61
CA THR B 118 18.80 5.36 -1.56
C THR B 118 19.41 6.02 -2.80
N PRO B 119 18.89 5.72 -3.99
CA PRO B 119 19.44 6.33 -5.21
C PRO B 119 18.86 7.71 -5.47
N PHE B 120 19.59 8.48 -6.27
CA PHE B 120 19.16 9.83 -6.62
C PHE B 120 18.00 9.81 -7.60
N ILE B 121 18.14 9.05 -8.69
CA ILE B 121 17.09 8.87 -9.69
C ILE B 121 17.02 7.39 -10.02
N THR B 122 15.83 6.94 -10.39
CA THR B 122 15.63 5.56 -10.84
C THR B 122 14.89 5.58 -12.18
N MET B 123 15.37 4.78 -13.11
CA MET B 123 14.75 4.61 -14.42
C MET B 123 14.36 3.15 -14.60
N CYS B 124 13.07 2.91 -14.85
CA CYS B 124 12.53 1.56 -14.92
C CYS B 124 11.97 1.27 -16.31
N ASP B 125 12.24 0.08 -16.80
CA ASP B 125 11.47 -0.49 -17.88
C ASP B 125 10.88 -1.81 -17.39
N GLN B 126 10.29 -2.56 -18.31
CA GLN B 126 9.51 -3.73 -17.91
C GLN B 126 10.32 -4.73 -17.10
N GLN B 127 11.65 -4.76 -17.28
CA GLN B 127 12.45 -5.80 -16.65
C GLN B 127 13.76 -5.32 -16.03
N THR B 128 14.08 -4.03 -16.11
CA THR B 128 15.33 -3.54 -15.57
C THR B 128 15.08 -2.21 -14.87
N GLU B 129 15.74 -2.03 -13.73
CA GLU B 129 15.83 -0.75 -13.05
C GLU B 129 17.27 -0.27 -13.11
N HIS B 130 17.47 0.97 -13.58
CA HIS B 130 18.75 1.63 -13.54
C HIS B 130 18.72 2.73 -12.49
N TYR B 131 19.86 2.97 -11.85
CA TYR B 131 19.94 3.90 -10.73
C TYR B 131 21.04 4.92 -10.96
N LEU B 132 20.79 6.16 -10.51
CA LEU B 132 21.80 7.19 -10.38
C LEU B 132 22.00 7.44 -8.89
N TYR B 133 23.19 7.10 -8.38
CA TYR B 133 23.52 7.31 -6.97
C TYR B 133 24.29 8.62 -6.84
N ALA B 134 23.85 9.46 -5.90
CA ALA B 134 24.44 10.79 -5.73
C ALA B 134 25.95 10.74 -5.64
N ALA B 135 26.50 9.66 -5.11
CA ALA B 135 27.95 9.56 -4.92
C ALA B 135 28.71 9.34 -6.21
N ASP B 136 28.04 9.17 -7.35
CA ASP B 136 28.71 8.95 -8.63
C ASP B 136 28.60 10.15 -9.56
N LEU B 137 27.95 11.23 -9.12
CA LEU B 137 27.62 12.34 -10.02
C LEU B 137 28.86 13.11 -10.43
N THR B 138 28.91 13.47 -11.71
CA THR B 138 30.02 14.25 -12.25
C THR B 138 29.84 15.74 -12.04
N ALA B 139 28.58 16.21 -12.02
CA ALA B 139 28.31 17.64 -11.90
C ALA B 139 27.24 17.89 -10.84
N ASP B 140 26.76 19.15 -10.78
CA ASP B 140 25.79 19.53 -9.77
C ASP B 140 24.55 18.64 -9.83
N LYS B 141 24.11 18.18 -8.66
CA LYS B 141 22.99 17.25 -8.59
C LYS B 141 21.73 17.83 -9.22
N LEU B 142 21.53 19.15 -9.09
CA LEU B 142 20.34 19.77 -9.65
C LEU B 142 20.38 19.81 -11.16
N ASP B 143 21.53 20.20 -11.73
CA ASP B 143 21.63 20.29 -13.19
C ASP B 143 21.55 18.91 -13.85
N VAL B 144 21.98 17.86 -13.16
CA VAL B 144 21.81 16.51 -13.67
C VAL B 144 20.32 16.14 -13.69
N TRP B 145 19.66 16.35 -12.55
CA TRP B 145 18.21 16.20 -12.47
C TRP B 145 17.52 16.91 -13.64
N LYS B 146 17.87 18.18 -13.86
CA LYS B 146 17.26 18.96 -14.94
C LYS B 146 17.52 18.31 -16.30
N LYS B 147 18.77 17.97 -16.59
CA LYS B 147 19.10 17.37 -17.88
C LYS B 147 18.29 16.10 -18.11
N VAL B 148 18.23 15.21 -17.11
CA VAL B 148 17.45 13.99 -17.27
C VAL B 148 16.01 14.32 -17.65
N VAL B 149 15.36 15.17 -16.86
CA VAL B 149 13.95 15.45 -17.07
C VAL B 149 13.72 16.05 -18.46
N ASN B 150 14.57 17.00 -18.86
CA ASN B 150 14.35 17.68 -20.13
C ASN B 150 14.67 16.81 -21.33
N SER B 151 15.45 15.74 -21.16
CA SER B 151 15.78 14.89 -22.30
C SER B 151 14.55 14.27 -22.92
N TYR B 152 13.45 14.13 -22.17
CA TYR B 152 12.24 13.54 -22.69
C TYR B 152 11.01 14.43 -22.57
N SER B 153 11.03 15.43 -21.68
CA SER B 153 9.82 16.20 -21.42
C SER B 153 9.37 16.98 -22.65
N ALA B 154 10.31 17.45 -23.47
CA ALA B 154 9.97 18.31 -24.59
C ALA B 154 9.78 17.55 -25.90
N SER B 155 10.06 16.24 -25.93
CA SER B 155 10.01 15.51 -27.19
C SER B 155 9.34 14.14 -27.06
N CYS B 156 8.69 13.84 -25.94
CA CYS B 156 8.07 12.53 -25.74
C CYS B 156 6.85 12.70 -24.85
N ASN B 157 5.76 12.02 -25.20
CA ASN B 157 4.55 12.10 -24.41
C ASN B 157 4.80 11.57 -23.00
N VAL B 158 4.38 12.33 -21.99
CA VAL B 158 4.62 12.01 -20.60
C VAL B 158 3.32 12.15 -19.83
N GLU B 159 3.18 11.34 -18.77
CA GLU B 159 2.09 11.52 -17.82
C GLU B 159 2.60 11.19 -16.42
N ARG B 160 2.20 12.03 -15.45
CA ARG B 160 2.63 11.82 -14.08
C ARG B 160 1.89 10.64 -13.48
N VAL B 161 2.55 9.98 -12.53
CA VAL B 161 2.03 8.78 -11.88
C VAL B 161 2.29 8.89 -10.39
N PRO B 162 1.30 8.67 -9.53
CA PRO B 162 1.51 8.78 -8.09
C PRO B 162 2.25 7.58 -7.52
N HIS B 163 2.93 7.82 -6.40
CA HIS B 163 3.69 6.74 -5.76
C HIS B 163 2.79 5.56 -5.43
N SER B 164 1.56 5.83 -4.97
CA SER B 164 0.65 4.76 -4.56
C SER B 164 0.23 3.87 -5.72
N ALA B 165 0.39 4.32 -6.96
CA ALA B 165 -0.11 3.59 -8.10
C ALA B 165 0.60 2.25 -8.25
N CYS B 166 -0.18 1.20 -8.45
CA CYS B 166 0.35 -0.11 -8.83
C CYS B 166 0.35 -0.15 -10.36
N LEU B 167 1.54 -0.01 -10.95
CA LEU B 167 1.69 0.13 -12.39
C LEU B 167 2.60 -0.96 -12.92
N CYS B 168 2.08 -1.74 -13.87
CA CYS B 168 2.86 -2.77 -14.55
C CYS B 168 3.24 -2.26 -15.93
N LEU B 169 4.54 -2.05 -16.15
CA LEU B 169 5.00 -1.48 -17.41
C LEU B 169 4.88 -2.49 -18.54
N ASP B 170 4.40 -2.02 -19.71
CA ASP B 170 4.37 -2.88 -20.88
C ASP B 170 5.72 -2.86 -21.60
N SER B 171 5.75 -3.32 -22.85
CA SER B 171 7.03 -3.58 -23.51
C SER B 171 7.75 -2.29 -23.91
N ASN B 172 7.03 -1.18 -24.11
CA ASN B 172 7.67 0.05 -24.56
C ASN B 172 7.62 1.17 -23.53
N ASP B 173 7.18 0.89 -22.29
CA ASP B 173 7.10 1.91 -21.27
C ASP B 173 8.46 2.22 -20.65
N ILE B 174 8.60 3.44 -20.15
CA ILE B 174 9.69 3.80 -19.26
C ILE B 174 9.08 4.58 -18.10
N LEU B 175 9.56 4.31 -16.88
CA LEU B 175 9.07 5.00 -15.69
C LEU B 175 10.24 5.62 -14.96
N MET B 176 10.20 6.94 -14.78
CA MET B 176 11.22 7.67 -14.05
C MET B 176 10.76 7.93 -12.62
N LYS B 177 11.62 7.61 -11.65
CA LYS B 177 11.31 7.79 -10.24
C LYS B 177 12.32 8.72 -9.62
N TYR B 178 11.84 9.73 -8.91
CA TYR B 178 12.69 10.76 -8.33
C TYR B 178 12.56 10.75 -6.82
N GLN B 179 13.66 11.04 -6.14
CA GLN B 179 13.61 10.96 -4.68
C GLN B 179 12.99 12.24 -4.13
N PRO B 180 12.06 12.13 -3.18
CA PRO B 180 11.43 13.35 -2.64
C PRO B 180 12.43 14.22 -1.92
N LEU B 181 12.31 15.53 -2.13
CA LEU B 181 13.17 16.50 -1.46
C LEU B 181 12.59 16.86 -0.10
N GLN B 182 13.48 17.20 0.82
CA GLN B 182 13.08 17.79 2.08
C GLN B 182 12.99 19.30 1.93
N ILE B 183 12.32 19.94 2.89
CA ILE B 183 12.07 21.37 2.77
C ILE B 183 13.38 22.15 2.73
N GLY B 184 14.35 21.75 3.54
CA GLY B 184 15.64 22.41 3.52
C GLY B 184 16.27 22.42 2.14
N GLU B 185 16.14 21.30 1.41
CA GLU B 185 16.76 21.20 0.09
C GLU B 185 16.09 22.12 -0.92
N ILE B 186 14.77 22.27 -0.82
CA ILE B 186 14.07 23.17 -1.75
C ILE B 186 14.43 24.61 -1.45
N GLU B 187 14.56 24.96 -0.18
CA GLU B 187 15.00 26.31 0.17
C GLU B 187 16.38 26.60 -0.41
N ALA B 188 17.23 25.59 -0.53
CA ALA B 188 18.55 25.82 -1.11
C ALA B 188 18.44 26.20 -2.58
N VAL B 189 17.66 25.43 -3.34
CA VAL B 189 17.47 25.73 -4.76
C VAL B 189 17.05 27.18 -4.95
N VAL B 190 16.06 27.63 -4.18
CA VAL B 190 15.51 28.97 -4.38
C VAL B 190 16.54 30.03 -4.04
N GLN B 191 17.39 29.78 -3.04
CA GLN B 191 18.39 30.76 -2.63
C GLN B 191 19.58 30.82 -3.58
N ARG B 192 19.76 29.80 -4.41
CA ARG B 192 20.69 29.87 -5.52
C ARG B 192 20.02 30.46 -6.77
N GLY B 193 18.87 31.10 -6.60
CA GLY B 193 18.16 31.73 -7.70
C GLY B 193 17.61 30.78 -8.74
N GLN B 194 17.39 29.51 -8.40
CA GLN B 194 17.06 28.48 -9.37
C GLN B 194 15.69 27.87 -9.07
N THR B 195 15.37 26.83 -9.83
CA THR B 195 14.10 26.11 -9.69
C THR B 195 14.36 24.64 -9.97
N VAL B 196 13.42 23.80 -9.53
CA VAL B 196 13.50 22.37 -9.82
C VAL B 196 12.72 22.10 -11.09
N PRO B 197 12.95 20.97 -11.78
CA PRO B 197 12.14 20.66 -12.97
C PRO B 197 10.66 20.60 -12.62
N ALA B 198 9.83 21.01 -13.56
CA ALA B 198 8.40 21.08 -13.35
C ALA B 198 7.79 19.68 -13.27
N GLY B 199 6.70 19.56 -12.50
CA GLY B 199 5.90 18.36 -12.48
C GLY B 199 6.48 17.19 -11.72
N VAL B 200 7.39 17.42 -10.77
CA VAL B 200 8.05 16.35 -10.03
C VAL B 200 7.70 16.41 -8.55
N THR B 201 7.94 17.57 -7.92
CA THR B 201 7.64 17.70 -6.50
C THR B 201 6.13 17.59 -6.28
N ARG B 202 5.74 16.90 -5.21
CA ARG B 202 4.32 16.71 -4.89
C ARG B 202 4.09 17.11 -3.44
N PHE B 203 3.43 18.23 -3.24
CA PHE B 203 3.10 18.72 -1.90
C PHE B 203 1.72 18.22 -1.51
N ASN B 204 1.65 17.50 -0.39
CA ASN B 204 0.40 17.05 0.21
C ASN B 204 0.07 18.02 1.35
N ILE B 205 -0.92 18.89 1.12
CA ILE B 205 -1.20 20.01 2.02
C ILE B 205 -2.58 19.86 2.62
N ALA B 206 -2.65 19.88 3.95
CA ALA B 206 -3.92 19.77 4.67
C ALA B 206 -4.43 21.16 5.07
N GLY B 207 -5.74 21.36 4.93
CA GLY B 207 -6.34 22.59 5.42
C GLY B 207 -6.25 23.76 4.48
N ARG B 208 -6.24 23.53 3.18
CA ARG B 208 -6.25 24.62 2.22
C ARG B 208 -7.57 25.38 2.28
N CYS B 209 -7.49 26.70 2.20
CA CYS B 209 -8.67 27.54 2.10
C CYS B 209 -9.04 27.67 0.62
N LEU B 210 -10.28 27.36 0.30
CA LEU B 210 -10.76 27.32 -1.08
C LEU B 210 -11.92 28.28 -1.27
N ASN B 211 -11.94 28.93 -2.44
CA ASN B 211 -13.05 29.77 -2.86
C ASN B 211 -13.10 31.09 -2.10
N LEU B 212 -11.95 31.62 -1.69
CA LEU B 212 -11.92 32.93 -1.06
C LEU B 212 -12.37 34.02 -2.03
N GLN B 213 -11.97 33.90 -3.29
CA GLN B 213 -12.36 34.84 -4.35
C GLN B 213 -12.01 36.27 -3.98
N VAL B 214 -10.71 36.55 -4.04
CA VAL B 214 -10.18 37.86 -3.68
C VAL B 214 -10.27 38.75 -4.91
N PRO B 215 -10.97 39.88 -4.84
CA PRO B 215 -11.01 40.82 -5.96
C PRO B 215 -9.62 41.38 -6.26
N LEU B 216 -9.30 41.47 -7.55
CA LEU B 216 -7.97 41.93 -7.95
C LEU B 216 -7.70 43.36 -7.48
N HIS B 217 -8.74 44.20 -7.40
CA HIS B 217 -8.51 45.60 -7.04
C HIS B 217 -7.88 45.75 -5.67
N LEU B 218 -8.05 44.77 -4.77
CA LEU B 218 -7.40 44.83 -3.47
C LEU B 218 -5.90 44.69 -3.55
N LEU B 219 -5.36 44.26 -4.69
CA LEU B 219 -3.96 43.86 -4.80
C LEU B 219 -3.10 44.93 -5.46
N LYS B 220 -3.66 46.10 -5.73
CA LYS B 220 -2.90 47.19 -6.31
C LYS B 220 -3.05 48.43 -5.43
N ASN B 221 -2.21 49.43 -5.70
CA ASN B 221 -2.19 50.66 -4.90
C ASN B 221 -1.84 50.38 -3.45
N SER B 222 -1.04 49.34 -3.22
CA SER B 222 -0.59 49.03 -1.86
C SER B 222 0.07 50.23 -1.21
N ASN B 223 0.70 51.10 -2.01
CA ASN B 223 1.37 52.28 -1.49
C ASN B 223 0.43 53.22 -0.73
N LEU B 224 -0.88 53.07 -0.93
CA LEU B 224 -1.86 53.85 -0.18
C LEU B 224 -2.43 53.12 1.02
N GLY B 225 -2.08 51.85 1.20
CA GLY B 225 -2.61 51.03 2.28
C GLY B 225 -3.69 50.08 1.79
N ASN B 226 -3.83 48.95 2.48
CA ASN B 226 -4.81 47.95 2.08
C ASN B 226 -5.23 47.06 3.25
N GLN B 227 -4.66 47.29 4.43
CA GLN B 227 -4.98 46.43 5.57
C GLN B 227 -6.44 46.58 5.98
N GLU B 228 -6.95 47.81 6.00
CA GLU B 228 -8.34 48.04 6.39
C GLU B 228 -9.29 47.27 5.49
N GLN B 229 -9.20 47.49 4.17
CA GLN B 229 -10.06 46.76 3.24
C GLN B 229 -9.90 45.25 3.39
N TRP B 230 -8.66 44.78 3.55
CA TRP B 230 -8.40 43.34 3.60
C TRP B 230 -9.16 42.68 4.73
N HIS B 231 -9.08 43.26 5.93
CA HIS B 231 -9.74 42.64 7.08
C HIS B 231 -11.24 42.77 6.97
N THR B 232 -11.74 43.91 6.51
CA THR B 232 -13.17 44.01 6.19
C THR B 232 -13.60 42.88 5.26
N PHE B 233 -12.80 42.60 4.24
CA PHE B 233 -13.14 41.54 3.28
C PHE B 233 -13.08 40.17 3.94
N LEU B 234 -12.03 39.91 4.73
CA LEU B 234 -11.85 38.58 5.30
C LEU B 234 -12.95 38.24 6.29
N GLN B 235 -13.38 39.21 7.09
CA GLN B 235 -14.37 38.91 8.12
C GLN B 235 -15.68 38.46 7.49
N LYS B 236 -16.07 39.08 6.39
CA LYS B 236 -17.29 38.67 5.69
C LYS B 236 -17.15 37.26 5.10
N LYS B 237 -16.00 36.95 4.51
CA LYS B 237 -15.84 35.62 3.91
C LYS B 237 -15.71 34.55 4.99
N ILE B 238 -14.94 34.82 6.03
CA ILE B 238 -14.64 33.79 7.03
C ILE B 238 -15.91 33.24 7.65
N GLU B 239 -16.97 34.06 7.74
CA GLU B 239 -18.18 33.64 8.43
C GLU B 239 -18.89 32.49 7.72
N SER B 240 -18.64 32.29 6.43
CA SER B 240 -19.28 31.21 5.68
C SER B 240 -18.33 30.05 5.44
N MET B 241 -17.26 29.95 6.22
CA MET B 241 -16.30 28.87 6.06
C MET B 241 -16.83 27.57 6.65
N ARG B 242 -16.59 26.47 5.94
CA ARG B 242 -17.02 25.14 6.36
C ARG B 242 -15.89 24.16 6.06
N CYS B 243 -15.65 23.23 7.00
CA CYS B 243 -14.55 22.28 6.90
C CYS B 243 -15.05 20.95 6.36
N TYR B 244 -14.32 20.41 5.38
CA TYR B 244 -14.60 19.11 4.79
C TYR B 244 -13.33 18.29 4.83
N THR B 245 -13.46 16.99 5.11
CA THR B 245 -12.30 16.21 5.50
C THR B 245 -11.92 15.10 4.52
N GLU B 246 -12.84 14.62 3.69
CA GLU B 246 -12.56 13.54 2.76
C GLU B 246 -12.31 14.13 1.37
N LYS B 247 -12.09 13.24 0.39
CA LYS B 247 -11.93 13.70 -0.99
C LYS B 247 -13.22 14.36 -1.44
N ILE B 248 -13.10 15.54 -2.06
CA ILE B 248 -14.26 16.25 -2.55
C ILE B 248 -14.10 16.57 -4.03
N TYR B 249 -15.24 16.65 -4.71
CA TYR B 249 -15.30 17.13 -6.09
C TYR B 249 -16.01 18.48 -6.05
N LEU B 250 -15.24 19.55 -6.21
CA LEU B 250 -15.75 20.91 -6.06
C LEU B 250 -16.14 21.47 -7.41
N ILE B 251 -17.39 21.90 -7.55
CA ILE B 251 -17.84 22.63 -8.73
C ILE B 251 -17.40 24.09 -8.59
N GLU B 252 -16.50 24.53 -9.47
CA GLU B 252 -15.86 25.84 -9.36
C GLU B 252 -16.45 26.81 -10.38
N ALA B 253 -17.72 27.16 -10.17
CA ALA B 253 -18.40 28.12 -11.02
C ALA B 253 -19.63 28.62 -10.26
N GLU B 254 -20.24 29.66 -10.82
CA GLU B 254 -21.44 30.23 -10.23
C GLU B 254 -22.43 30.62 -11.32
MG MG C . 7.68 -16.26 -14.84
MG MG D . -5.70 -29.38 -15.66
MG MG E . 0.42 -22.56 10.03
PB ADP F . 0.33 -25.96 10.83
O1B ADP F . 0.17 -24.48 11.00
O2B ADP F . 0.54 -26.75 12.09
O3B ADP F . -0.69 -26.58 9.87
PA ADP F . 2.58 -25.13 9.21
O1A ADP F . 2.40 -23.73 9.75
O2A ADP F . 3.99 -25.68 9.10
O3A ADP F . 1.75 -26.21 10.08
O5' ADP F . 1.87 -25.23 7.75
C5' ADP F . 1.60 -24.06 6.97
C4' ADP F . 2.59 -23.85 5.80
O4' ADP F . 2.68 -22.45 5.53
C3' ADP F . 4.03 -24.33 6.02
O3' ADP F . 4.39 -25.34 5.07
C2' ADP F . 4.93 -23.13 5.87
O2' ADP F . 5.99 -23.36 4.93
C1' ADP F . 4.03 -22.01 5.37
N9 ADP F . 4.31 -20.78 6.15
H5'1 ADP F . 1.63 -23.18 7.62
H5'2 ADP F . 0.59 -24.13 6.57
H4' ADP F . 2.18 -24.37 4.92
H3' ADP F . 4.13 -24.74 7.04
HO3' ADP F . 5.29 -25.62 5.22
H2' ADP F . 5.34 -22.86 6.84
HO2' ADP F . 6.55 -24.09 5.23
H1' ADP F . 4.25 -21.83 4.30
MG MG G . 3.39 1.60 -23.31
MG MG H . -0.70 23.67 -8.47
PB ADP I . -0.97 27.06 -9.91
O1B ADP I . -1.38 28.51 -9.70
O2B ADP I . 0.41 26.91 -10.50
O3B ADP I . -1.22 26.17 -8.72
PA ADP I . -2.75 25.15 -11.01
O1A ADP I . -2.96 24.64 -12.42
O2A ADP I . -2.10 24.28 -9.97
O3A ADP I . -1.94 26.54 -11.10
O5' ADP I . -4.17 25.70 -10.46
C5' ADP I . -4.70 25.24 -9.21
C4' ADP I . -6.13 25.74 -9.04
O4' ADP I . -6.28 27.07 -9.55
C3' ADP I . -7.11 24.86 -9.80
O3' ADP I . -7.79 23.95 -8.91
C2' ADP I . -8.11 25.82 -10.43
O2' ADP I . -9.32 25.82 -9.66
C1' ADP I . -7.46 27.19 -10.38
N9 ADP I . -7.02 27.52 -11.75
C8 ADP I . -5.76 27.71 -12.16
N7 ADP I . -5.70 27.99 -13.49
C5 ADP I . -6.96 27.99 -13.95
C6 ADP I . -7.62 28.21 -15.26
N6 ADP I . -6.89 28.51 -16.37
N1 ADP I . -8.97 28.12 -15.33
C2 ADP I . -9.71 27.83 -14.23
N3 ADP I . -9.18 27.61 -13.02
C4 ADP I . -7.84 27.68 -12.81
#